data_1ION
#
_entry.id   1ION
#
_cell.length_a   96.59
_cell.length_b   96.59
_cell.length_c   96.59
_cell.angle_alpha   90.00
_cell.angle_beta   90.00
_cell.angle_gamma   90.00
#
_symmetry.space_group_name_H-M   'P 21 3'
#
loop_
_entity.id
_entity.type
_entity.pdbx_description
1 polymer 'PROBABLE CELL DIVISION INHIBITOR MIND'
2 non-polymer 'MAGNESIUM ION'
3 non-polymer "ADENOSINE-5'-DIPHOSPHATE"
4 water water
#
_entity_poly.entity_id   1
_entity_poly.type   'polypeptide(L)'
_entity_poly.pdbx_seq_one_letter_code
;(MSE)TRIISIVSGKGGTGKTTVTANLSVALGE(MSE)GRKVLAVDGDLT(MSE)ANLSLVLGVDDVNITLHDVLAGDAK
LEDAIY(MSE)TQFENVYILPGAVDWEHVIKADPRKLPEVIKSLKGKYDFILIDCPAGLQLRA(MSE)SA(MSE)LSGEE
AILVTNPEISCLTDT(MSE)KVG(MSE)VLKKAGLAILGFILNRYGRSERDIPPEAAQDV(MSE)DVPLLAVIPEDPVIR
EGTLEGIPAVKYKPESKGAQAFIKLAEEVDKLAGIKAKI
;
_entity_poly.pdbx_strand_id   A
#
loop_
_chem_comp.id
_chem_comp.type
_chem_comp.name
_chem_comp.formula
ADP non-polymer ADENOSINE-5'-DIPHOSPHATE 'C10 H15 N5 O10 P2'
MG non-polymer 'MAGNESIUM ION' 'Mg 2'
#
# COMPACT_ATOMS: atom_id res chain seq x y z
N MSE A 1 12.77 6.40 13.12
CA MSE A 1 11.77 7.29 12.43
C MSE A 1 10.82 6.41 11.60
O MSE A 1 11.01 6.27 10.40
CB MSE A 1 12.52 8.26 11.51
CG MSE A 1 11.80 9.60 11.24
SE MSE A 1 10.19 9.45 10.40
CE MSE A 1 10.43 10.50 8.98
N THR A 2 9.79 5.82 12.25
CA THR A 2 8.86 4.96 11.51
C THR A 2 8.17 5.73 10.40
N ARG A 3 8.31 5.23 9.18
CA ARG A 3 7.70 5.85 8.00
C ARG A 3 6.29 5.30 7.81
N ILE A 4 5.30 6.18 7.82
CA ILE A 4 3.91 5.77 7.59
C ILE A 4 3.62 6.24 6.18
N ILE A 5 3.53 5.28 5.26
CA ILE A 5 3.33 5.56 3.86
C ILE A 5 1.98 5.11 3.31
N SER A 6 1.18 6.07 2.84
CA SER A 6 -0.11 5.76 2.24
C SER A 6 0.10 5.32 0.77
N ILE A 7 -0.50 4.22 0.36
CA ILE A 7 -0.37 3.74 -1.02
C ILE A 7 -1.70 4.19 -1.66
N VAL A 8 -1.64 5.19 -2.53
CA VAL A 8 -2.86 5.76 -3.10
C VAL A 8 -2.92 5.87 -4.61
N SER A 9 -4.08 6.28 -5.11
CA SER A 9 -4.30 6.48 -6.55
C SER A 9 -5.59 7.25 -6.81
N GLY A 10 -5.79 7.63 -8.07
CA GLY A 10 -6.99 8.34 -8.47
C GLY A 10 -8.09 7.38 -8.89
N LYS A 11 -7.71 6.19 -9.35
CA LYS A 11 -8.71 5.19 -9.79
C LYS A 11 -8.55 3.83 -9.14
N GLY A 12 -9.59 3.01 -9.27
CA GLY A 12 -9.58 1.68 -8.71
C GLY A 12 -8.93 0.72 -9.70
N GLY A 13 -8.47 -0.43 -9.22
CA GLY A 13 -7.83 -1.40 -10.10
C GLY A 13 -6.44 -1.02 -10.60
N THR A 14 -5.83 0.01 -10.03
CA THR A 14 -4.51 0.41 -10.49
C THR A 14 -3.35 -0.33 -9.82
N GLY A 15 -3.62 -1.04 -8.73
CA GLY A 15 -2.59 -1.81 -8.06
C GLY A 15 -2.19 -1.42 -6.65
N LYS A 16 -3.03 -0.65 -5.97
CA LYS A 16 -2.73 -0.19 -4.62
C LYS A 16 -2.50 -1.35 -3.67
N THR A 17 -3.39 -2.34 -3.70
CA THR A 17 -3.26 -3.51 -2.84
C THR A 17 -2.05 -4.36 -3.23
N THR A 18 -1.80 -4.50 -4.53
CA THR A 18 -0.67 -5.28 -5.03
C THR A 18 0.64 -4.63 -4.58
N VAL A 19 0.72 -3.33 -4.74
CA VAL A 19 1.89 -2.59 -4.32
C VAL A 19 2.10 -2.72 -2.82
N THR A 20 1.03 -2.52 -2.04
CA THR A 20 1.14 -2.62 -0.60
C THR A 20 1.67 -4.01 -0.22
N ALA A 21 1.06 -5.04 -0.79
CA ALA A 21 1.46 -6.41 -0.50
C ALA A 21 2.92 -6.72 -0.86
N ASN A 22 3.32 -6.47 -2.11
CA ASN A 22 4.70 -6.77 -2.52
C ASN A 22 5.75 -5.91 -1.82
N LEU A 23 5.48 -4.61 -1.69
CA LEU A 23 6.43 -3.71 -1.04
C LEU A 23 6.61 -4.15 0.43
N SER A 24 5.52 -4.53 1.09
CA SER A 24 5.62 -4.98 2.49
C SER A 24 6.53 -6.20 2.63
N VAL A 25 6.29 -7.19 1.78
CA VAL A 25 7.06 -8.42 1.82
C VAL A 25 8.55 -8.16 1.51
N ALA A 26 8.82 -7.38 0.46
CA ALA A 26 10.20 -7.06 0.08
C ALA A 26 10.95 -6.37 1.22
N LEU A 27 10.36 -5.33 1.80
CA LEU A 27 10.94 -4.60 2.91
C LEU A 27 11.16 -5.56 4.10
N GLY A 28 10.21 -6.48 4.32
CA GLY A 28 10.36 -7.43 5.40
C GLY A 28 11.59 -8.31 5.18
N GLU A 29 11.81 -8.68 3.93
CA GLU A 29 12.97 -9.49 3.54
C GLU A 29 14.26 -8.69 3.72
N MSE A 30 14.17 -7.37 3.61
CA MSE A 30 15.33 -6.50 3.80
C MSE A 30 15.62 -6.28 5.30
O MSE A 30 16.48 -5.49 5.67
CB MSE A 30 15.12 -5.16 3.08
CG MSE A 30 15.20 -5.26 1.54
SE MSE A 30 14.62 -3.85 0.67
CE MSE A 30 15.32 -2.60 1.47
N GLY A 31 14.90 -7.00 6.17
CA GLY A 31 15.11 -6.86 7.60
C GLY A 31 14.33 -5.76 8.30
N ARG A 32 13.33 -5.17 7.63
CA ARG A 32 12.53 -4.09 8.23
C ARG A 32 11.26 -4.62 8.87
N LYS A 33 10.89 -4.05 10.01
CA LYS A 33 9.66 -4.48 10.66
C LYS A 33 8.56 -3.69 9.95
N VAL A 34 7.63 -4.40 9.29
CA VAL A 34 6.57 -3.75 8.54
C VAL A 34 5.17 -4.13 9.00
N LEU A 35 4.29 -3.13 9.07
CA LEU A 35 2.89 -3.35 9.38
C LEU A 35 2.14 -2.91 8.12
N ALA A 36 1.43 -3.84 7.49
CA ALA A 36 0.64 -3.51 6.31
C ALA A 36 -0.76 -3.28 6.87
N VAL A 37 -1.32 -2.12 6.59
CA VAL A 37 -2.64 -1.76 7.11
C VAL A 37 -3.70 -1.75 6.02
N ASP A 38 -4.82 -2.44 6.24
CA ASP A 38 -5.88 -2.42 5.25
C ASP A 38 -6.80 -1.20 5.49
N GLY A 39 -6.47 -0.10 4.84
CA GLY A 39 -7.28 1.09 5.01
C GLY A 39 -8.47 1.11 4.06
N ASP A 40 -8.77 0.01 3.38
CA ASP A 40 -9.91 0.00 2.48
C ASP A 40 -11.10 -0.62 3.22
N LEU A 41 -11.75 0.20 4.04
CA LEU A 41 -12.86 -0.23 4.87
C LEU A 41 -14.04 -0.94 4.18
N THR A 42 -14.42 -0.53 2.98
CA THR A 42 -15.55 -1.17 2.31
C THR A 42 -15.19 -2.41 1.48
N MSE A 43 -13.92 -2.52 1.09
CA MSE A 43 -13.45 -3.65 0.29
C MSE A 43 -12.14 -4.21 0.87
O MSE A 43 -11.09 -4.13 0.24
CB MSE A 43 -13.26 -3.21 -1.18
CG MSE A 43 -14.54 -2.74 -1.91
SE MSE A 43 -15.73 -4.04 -2.32
CE MSE A 43 -14.99 -4.71 -3.75
N ALA A 44 -12.21 -4.76 2.08
CA ALA A 44 -11.04 -5.34 2.76
C ALA A 44 -10.44 -6.45 1.90
N ASN A 45 -9.29 -6.20 1.32
CA ASN A 45 -8.67 -7.18 0.45
C ASN A 45 -7.26 -7.62 0.86
N LEU A 46 -6.57 -6.79 1.65
CA LEU A 46 -5.20 -7.08 2.09
C LEU A 46 -4.94 -8.45 2.72
N SER A 47 -5.77 -8.86 3.68
CA SER A 47 -5.57 -10.14 4.36
C SER A 47 -5.59 -11.30 3.38
N LEU A 48 -6.44 -11.21 2.36
CA LEU A 48 -6.54 -12.24 1.35
C LEU A 48 -5.29 -12.30 0.47
N VAL A 49 -4.82 -11.17 -0.06
CA VAL A 49 -3.64 -11.24 -0.91
C VAL A 49 -2.38 -11.58 -0.09
N LEU A 50 -2.43 -11.36 1.22
CA LEU A 50 -1.30 -11.74 2.10
C LEU A 50 -1.52 -13.15 2.67
N GLY A 51 -2.61 -13.79 2.23
CA GLY A 51 -2.92 -15.15 2.70
C GLY A 51 -3.07 -15.28 4.20
N VAL A 52 -3.67 -14.30 4.86
CA VAL A 52 -3.83 -14.37 6.30
C VAL A 52 -5.22 -14.96 6.56
N ASP A 53 -5.27 -16.21 7.02
CA ASP A 53 -6.55 -16.88 7.25
C ASP A 53 -6.94 -17.14 8.71
N ASP A 54 -6.24 -16.54 9.66
CA ASP A 54 -6.56 -16.78 11.06
C ASP A 54 -7.13 -15.51 11.71
N VAL A 55 -7.82 -14.69 10.92
CA VAL A 55 -8.39 -13.40 11.35
C VAL A 55 -9.81 -13.36 11.92
N ASN A 56 -9.93 -12.82 13.12
CA ASN A 56 -11.22 -12.64 13.80
C ASN A 56 -11.40 -11.14 14.08
N ILE A 57 -10.71 -10.63 15.09
CA ILE A 57 -10.78 -9.21 15.45
C ILE A 57 -10.10 -8.40 14.35
N THR A 58 -10.70 -7.28 13.94
CA THR A 58 -10.08 -6.49 12.86
C THR A 58 -9.94 -5.03 13.16
N LEU A 59 -9.42 -4.29 12.19
CA LEU A 59 -9.25 -2.85 12.30
C LEU A 59 -10.66 -2.29 12.52
N HIS A 60 -11.64 -2.86 11.81
CA HIS A 60 -13.04 -2.40 11.93
C HIS A 60 -13.53 -2.43 13.36
N ASP A 61 -13.15 -3.47 14.11
CA ASP A 61 -13.54 -3.55 15.53
C ASP A 61 -12.84 -2.43 16.32
N VAL A 62 -11.59 -2.14 15.98
CA VAL A 62 -10.89 -1.07 16.71
C VAL A 62 -11.59 0.26 16.43
N LEU A 63 -11.94 0.49 15.17
CA LEU A 63 -12.59 1.72 14.75
C LEU A 63 -14.01 1.84 15.31
N ALA A 64 -14.58 0.73 15.78
CA ALA A 64 -15.93 0.78 16.33
C ALA A 64 -15.85 0.89 17.85
N GLY A 65 -14.63 0.91 18.39
CA GLY A 65 -14.46 1.01 19.83
C GLY A 65 -14.72 -0.31 20.52
N ASP A 66 -14.67 -1.40 19.76
CA ASP A 66 -14.95 -2.70 20.35
C ASP A 66 -13.75 -3.57 20.66
N ALA A 67 -12.56 -3.13 20.27
CA ALA A 67 -11.38 -3.93 20.53
C ALA A 67 -10.11 -3.09 20.66
N LYS A 68 -9.12 -3.64 21.36
CA LYS A 68 -7.84 -2.97 21.52
C LYS A 68 -7.06 -3.12 20.21
N LEU A 69 -6.34 -2.08 19.83
CA LEU A 69 -5.54 -2.07 18.62
C LEU A 69 -4.53 -3.23 18.60
N GLU A 70 -3.86 -3.47 19.74
CA GLU A 70 -2.87 -4.55 19.82
C GLU A 70 -3.49 -5.94 19.61
N ASP A 71 -4.82 -6.06 19.77
CA ASP A 71 -5.52 -7.34 19.53
C ASP A 71 -5.96 -7.50 18.07
N ALA A 72 -5.63 -6.52 17.23
CA ALA A 72 -5.99 -6.57 15.82
C ALA A 72 -4.75 -6.65 14.95
N ILE A 73 -3.59 -6.87 15.56
CA ILE A 73 -2.35 -6.96 14.81
C ILE A 73 -1.88 -8.42 14.75
N TYR A 74 -1.82 -8.97 13.54
CA TYR A 74 -1.42 -10.34 13.32
C TYR A 74 -0.06 -10.49 12.68
N MSE A 75 0.56 -11.63 12.98
CA MSE A 75 1.85 -12.03 12.42
C MSE A 75 1.43 -12.65 11.07
O MSE A 75 0.42 -13.32 11.02
CB MSE A 75 2.46 -13.11 13.34
CG MSE A 75 3.81 -13.71 12.93
SE MSE A 75 5.30 -12.70 13.29
CE MSE A 75 5.61 -11.98 11.59
N THR A 76 2.17 -12.41 9.99
CA THR A 76 1.83 -13.00 8.71
C THR A 76 2.84 -14.11 8.41
N GLN A 77 2.62 -14.88 7.34
CA GLN A 77 3.55 -15.95 6.96
C GLN A 77 4.84 -15.34 6.40
N PHE A 78 4.88 -14.02 6.26
CA PHE A 78 6.06 -13.37 5.72
C PHE A 78 6.95 -12.75 6.78
N GLU A 79 8.24 -12.98 6.61
CA GLU A 79 9.28 -12.50 7.49
C GLU A 79 9.21 -10.98 7.78
N ASN A 80 9.08 -10.63 9.07
CA ASN A 80 9.03 -9.23 9.52
C ASN A 80 7.80 -8.43 9.05
N VAL A 81 6.79 -9.13 8.53
CA VAL A 81 5.56 -8.47 8.08
C VAL A 81 4.38 -8.80 8.98
N TYR A 82 3.75 -7.74 9.49
CA TYR A 82 2.57 -7.85 10.34
C TYR A 82 1.44 -7.18 9.58
N ILE A 83 0.21 -7.57 9.90
CA ILE A 83 -0.96 -7.02 9.25
C ILE A 83 -2.03 -6.52 10.21
N LEU A 84 -2.64 -5.40 9.88
CA LEU A 84 -3.74 -4.83 10.66
C LEU A 84 -4.83 -4.94 9.58
N PRO A 85 -5.54 -6.08 9.57
CA PRO A 85 -6.59 -6.40 8.59
C PRO A 85 -7.96 -5.79 8.74
N GLY A 86 -8.70 -5.79 7.63
CA GLY A 86 -10.06 -5.27 7.63
C GLY A 86 -11.09 -6.38 7.59
N ALA A 87 -12.26 -6.15 8.17
CA ALA A 87 -13.30 -7.16 8.15
C ALA A 87 -13.98 -7.04 6.78
N VAL A 88 -14.63 -8.11 6.33
CA VAL A 88 -15.31 -8.09 5.05
C VAL A 88 -16.84 -7.97 5.21
N ASP A 89 -17.38 -8.36 6.36
CA ASP A 89 -18.84 -8.30 6.53
C ASP A 89 -19.32 -6.86 6.67
N TRP A 90 -20.45 -6.59 6.03
CA TRP A 90 -21.07 -5.27 6.02
C TRP A 90 -21.39 -4.66 7.39
N GLU A 91 -21.75 -5.49 8.35
CA GLU A 91 -22.06 -4.96 9.67
C GLU A 91 -20.82 -4.31 10.27
N HIS A 92 -19.65 -4.89 10.02
CA HIS A 92 -18.41 -4.31 10.52
C HIS A 92 -18.09 -3.08 9.70
N VAL A 93 -18.41 -3.13 8.40
CA VAL A 93 -18.12 -1.98 7.54
C VAL A 93 -18.80 -0.69 8.01
N ILE A 94 -20.10 -0.75 8.28
CA ILE A 94 -20.80 0.46 8.68
C ILE A 94 -20.51 0.97 10.09
N LYS A 95 -20.16 0.09 11.01
CA LYS A 95 -19.86 0.51 12.37
C LYS A 95 -18.44 1.04 12.56
N ALA A 96 -17.59 0.89 11.54
CA ALA A 96 -16.22 1.36 11.65
C ALA A 96 -16.15 2.86 11.37
N ASP A 97 -15.75 3.63 12.38
CA ASP A 97 -15.64 5.07 12.20
C ASP A 97 -14.35 5.39 11.45
N PRO A 98 -14.45 5.81 10.18
CA PRO A 98 -13.29 6.14 9.32
C PRO A 98 -12.47 7.27 9.91
N ARG A 99 -13.16 8.21 10.52
CA ARG A 99 -12.51 9.40 11.07
C ARG A 99 -11.46 9.10 12.15
N LYS A 100 -11.56 7.93 12.77
CA LYS A 100 -10.59 7.55 13.81
C LYS A 100 -9.33 6.88 13.28
N LEU A 101 -9.26 6.70 11.96
CA LEU A 101 -8.12 6.04 11.32
C LEU A 101 -6.76 6.72 11.61
N PRO A 102 -6.64 8.04 11.35
CA PRO A 102 -5.36 8.70 11.60
C PRO A 102 -4.82 8.57 13.03
N GLU A 103 -5.68 8.71 14.04
CA GLU A 103 -5.22 8.59 15.40
C GLU A 103 -4.89 7.14 15.76
N VAL A 104 -5.60 6.19 15.17
CA VAL A 104 -5.33 4.80 15.45
C VAL A 104 -3.99 4.41 14.85
N ILE A 105 -3.82 4.67 13.56
CA ILE A 105 -2.59 4.34 12.88
C ILE A 105 -1.35 5.05 13.43
N LYS A 106 -1.45 6.36 13.63
CA LYS A 106 -0.32 7.11 14.13
C LYS A 106 0.10 6.77 15.56
N SER A 107 -0.79 6.18 16.35
CA SER A 107 -0.43 5.80 17.72
C SER A 107 0.53 4.59 17.68
N LEU A 108 0.83 4.11 16.48
CA LEU A 108 1.71 2.97 16.32
C LEU A 108 3.16 3.39 16.07
N LYS A 109 3.39 4.70 15.97
CA LYS A 109 4.75 5.20 15.73
C LYS A 109 5.74 4.70 16.78
N GLY A 110 6.93 4.34 16.31
CA GLY A 110 7.98 3.82 17.19
C GLY A 110 7.96 2.30 17.22
N LYS A 111 6.89 1.68 16.73
CA LYS A 111 6.80 0.22 16.75
C LYS A 111 7.17 -0.51 15.46
N TYR A 112 7.32 0.22 14.37
CA TYR A 112 7.65 -0.43 13.09
C TYR A 112 8.60 0.45 12.33
N ASP A 113 9.33 -0.10 11.36
CA ASP A 113 10.19 0.75 10.54
C ASP A 113 9.24 1.34 9.51
N PHE A 114 8.29 0.54 9.05
CA PHE A 114 7.31 1.00 8.09
C PHE A 114 5.88 0.56 8.41
N ILE A 115 4.98 1.47 8.15
CA ILE A 115 3.56 1.18 8.29
C ILE A 115 3.10 1.57 6.89
N LEU A 116 2.59 0.59 6.13
CA LEU A 116 2.11 0.86 4.78
C LEU A 116 0.59 0.78 4.78
N ILE A 117 -0.06 1.85 4.33
CA ILE A 117 -1.51 1.90 4.33
C ILE A 117 -2.12 1.68 2.93
N ASP A 118 -2.81 0.55 2.78
CA ASP A 118 -3.47 0.21 1.51
C ASP A 118 -4.75 1.06 1.53
N CYS A 119 -4.83 2.05 0.65
CA CYS A 119 -5.99 2.94 0.65
C CYS A 119 -7.00 2.68 -0.46
N PRO A 120 -8.25 3.11 -0.27
CA PRO A 120 -9.24 2.91 -1.33
C PRO A 120 -9.05 4.12 -2.24
N ALA A 121 -9.45 4.02 -3.49
CA ALA A 121 -9.25 5.13 -4.41
C ALA A 121 -10.25 6.26 -4.18
N GLY A 122 -9.97 7.41 -4.79
CA GLY A 122 -10.90 8.52 -4.67
C GLY A 122 -10.58 9.56 -3.63
N LEU A 123 -11.61 10.34 -3.28
CA LEU A 123 -11.48 11.40 -2.31
C LEU A 123 -12.68 11.51 -1.35
N GLN A 124 -13.48 10.46 -1.25
CA GLN A 124 -14.62 10.48 -0.34
C GLN A 124 -14.11 10.24 1.09
N LEU A 125 -15.03 10.25 2.07
CA LEU A 125 -14.64 10.10 3.47
C LEU A 125 -13.70 8.93 3.77
N ARG A 126 -14.05 7.73 3.31
CA ARG A 126 -13.20 6.56 3.55
C ARG A 126 -11.77 6.76 3.04
N ALA A 127 -11.65 7.14 1.77
CA ALA A 127 -10.35 7.38 1.15
C ALA A 127 -9.49 8.44 1.85
N MSE A 128 -10.09 9.59 2.14
CA MSE A 128 -9.36 10.67 2.81
C MSE A 128 -8.89 10.23 4.20
O MSE A 128 -7.75 10.45 4.58
CB MSE A 128 -10.25 11.94 2.98
CG MSE A 128 -10.40 12.82 1.73
SE MSE A 128 -8.85 13.42 1.02
CE MSE A 128 -8.06 13.99 2.32
N SER A 129 -9.79 9.60 4.95
CA SER A 129 -9.44 9.15 6.29
C SER A 129 -8.23 8.23 6.26
N ALA A 130 -8.21 7.30 5.30
CA ALA A 130 -7.10 6.39 5.18
C ALA A 130 -5.83 7.12 4.72
N MSE A 131 -5.91 7.80 3.58
CA MSE A 131 -4.75 8.50 3.06
C MSE A 131 -4.14 9.47 4.07
O MSE A 131 -2.92 9.54 4.20
CB MSE A 131 -5.10 9.28 1.77
CG MSE A 131 -5.64 8.43 0.61
SE MSE A 131 -5.69 9.31 -0.98
CE MSE A 131 -7.00 10.45 -0.65
N LEU A 132 -4.98 10.21 4.79
CA LEU A 132 -4.48 11.18 5.77
C LEU A 132 -3.92 10.53 7.02
N SER A 133 -3.94 9.20 7.06
CA SER A 133 -3.38 8.49 8.20
C SER A 133 -1.87 8.39 7.99
N GLY A 134 -1.41 8.56 6.75
CA GLY A 134 0.01 8.48 6.50
C GLY A 134 0.70 9.84 6.56
N GLU A 135 2.03 9.86 6.54
CA GLU A 135 2.78 11.11 6.57
C GLU A 135 3.58 11.24 5.26
N GLU A 136 3.60 10.15 4.50
CA GLU A 136 4.28 10.10 3.20
C GLU A 136 3.29 9.40 2.28
N ALA A 137 3.43 9.55 0.97
CA ALA A 137 2.53 8.87 0.07
C ALA A 137 3.24 8.42 -1.19
N ILE A 138 2.75 7.33 -1.75
CA ILE A 138 3.28 6.79 -2.99
C ILE A 138 2.07 6.74 -3.89
N LEU A 139 2.18 7.36 -5.06
CA LEU A 139 1.07 7.39 -6.00
C LEU A 139 1.16 6.20 -6.95
N VAL A 140 0.08 5.44 -7.08
CA VAL A 140 0.08 4.32 -7.99
C VAL A 140 -0.78 4.67 -9.20
N THR A 141 -0.22 4.49 -10.38
CA THR A 141 -0.94 4.83 -11.61
C THR A 141 -0.71 3.81 -12.70
N ASN A 142 -1.59 3.85 -13.69
CA ASN A 142 -1.50 2.99 -14.88
C ASN A 142 -1.07 3.96 -15.99
N PRO A 143 -0.55 3.44 -17.12
CA PRO A 143 -0.09 4.27 -18.25
C PRO A 143 -1.17 4.93 -19.15
N GLU A 144 -2.16 5.55 -18.53
CA GLU A 144 -3.25 6.20 -19.27
C GLU A 144 -3.43 7.60 -18.68
N ILE A 145 -3.38 8.62 -19.54
CA ILE A 145 -3.48 10.02 -19.12
C ILE A 145 -4.53 10.36 -18.06
N SER A 146 -5.75 9.86 -18.21
CA SER A 146 -6.79 10.15 -17.25
C SER A 146 -6.39 9.67 -15.84
N CYS A 147 -5.77 8.49 -15.77
CA CYS A 147 -5.34 7.94 -14.50
C CYS A 147 -4.20 8.81 -13.93
N LEU A 148 -3.22 9.14 -14.77
CA LEU A 148 -2.10 9.96 -14.33
C LEU A 148 -2.57 11.30 -13.72
N THR A 149 -3.43 12.03 -14.43
CA THR A 149 -3.90 13.34 -13.93
C THR A 149 -4.79 13.21 -12.71
N ASP A 150 -5.71 12.26 -12.71
CA ASP A 150 -6.57 12.07 -11.55
C ASP A 150 -5.69 11.74 -10.33
N THR A 151 -4.62 11.00 -10.55
CA THR A 151 -3.72 10.63 -9.46
C THR A 151 -2.88 11.80 -9.00
N MSE A 152 -2.36 12.58 -9.94
CA MSE A 152 -1.55 13.74 -9.56
C MSE A 152 -2.46 14.67 -8.76
O MSE A 152 -2.00 15.37 -7.85
CB MSE A 152 -1.00 14.45 -10.81
CG MSE A 152 0.14 15.43 -10.49
SE MSE A 152 1.55 14.67 -9.57
CE MSE A 152 1.15 15.17 -7.84
N LYS A 153 -3.75 14.66 -9.09
CA LYS A 153 -4.73 15.49 -8.38
C LYS A 153 -4.81 15.03 -6.93
N VAL A 154 -4.87 13.71 -6.74
CA VAL A 154 -4.91 13.15 -5.39
C VAL A 154 -3.62 13.56 -4.70
N GLY A 155 -2.52 13.47 -5.43
CA GLY A 155 -1.21 13.84 -4.87
C GLY A 155 -1.14 15.28 -4.40
N MSE A 156 -1.71 16.19 -5.19
CA MSE A 156 -1.70 17.60 -4.81
C MSE A 156 -2.48 17.76 -3.51
O MSE A 156 -2.00 18.41 -2.58
CB MSE A 156 -2.32 18.45 -5.94
CG MSE A 156 -1.62 18.30 -7.28
SE MSE A 156 -2.10 19.56 -8.53
CE MSE A 156 -3.76 19.10 -8.89
N VAL A 157 -3.66 17.15 -3.44
CA VAL A 157 -4.49 17.22 -2.25
C VAL A 157 -3.74 16.76 -1.00
N LEU A 158 -3.02 15.64 -1.11
CA LEU A 158 -2.26 15.11 0.02
C LEU A 158 -1.05 15.99 0.33
N LYS A 159 -0.53 16.65 -0.70
CA LYS A 159 0.60 17.55 -0.55
C LYS A 159 0.16 18.77 0.29
N LYS A 160 -1.04 19.28 -0.02
CA LYS A 160 -1.60 20.42 0.70
C LYS A 160 -1.97 20.05 2.14
N ALA A 161 -2.14 18.75 2.39
CA ALA A 161 -2.50 18.30 3.74
C ALA A 161 -1.27 18.05 4.60
N GLY A 162 -0.09 18.20 4.02
CA GLY A 162 1.13 18.02 4.80
C GLY A 162 1.92 16.76 4.57
N LEU A 163 1.52 15.93 3.62
CA LEU A 163 2.27 14.72 3.36
C LEU A 163 3.39 14.91 2.33
N ALA A 164 4.47 14.16 2.53
CA ALA A 164 5.60 14.20 1.60
C ALA A 164 5.28 13.17 0.52
N ILE A 165 5.19 13.62 -0.73
CA ILE A 165 4.89 12.72 -1.84
C ILE A 165 6.24 12.16 -2.31
N LEU A 166 6.50 10.89 -1.99
CA LEU A 166 7.77 10.27 -2.36
C LEU A 166 7.95 10.17 -3.85
N GLY A 167 6.86 9.91 -4.56
CA GLY A 167 6.93 9.79 -6.01
C GLY A 167 5.78 8.92 -6.47
N PHE A 168 5.87 8.40 -7.69
CA PHE A 168 4.83 7.55 -8.24
C PHE A 168 5.38 6.28 -8.86
N ILE A 169 4.48 5.32 -9.04
CA ILE A 169 4.80 4.04 -9.63
C ILE A 169 3.96 3.89 -10.89
N LEU A 170 4.62 3.56 -12.00
CA LEU A 170 3.91 3.35 -13.25
C LEU A 170 3.63 1.85 -13.30
N ASN A 171 2.46 1.44 -12.83
CA ASN A 171 2.10 0.02 -12.81
C ASN A 171 1.30 -0.40 -14.03
N ARG A 172 1.29 -1.71 -14.29
CA ARG A 172 0.55 -2.30 -15.39
C ARG A 172 1.11 -1.83 -16.73
N TYR A 173 2.40 -1.57 -16.77
CA TYR A 173 3.03 -1.10 -17.99
C TYR A 173 3.29 -2.20 -19.04
N GLY A 174 2.92 -1.92 -20.29
CA GLY A 174 3.14 -2.92 -21.33
C GLY A 174 1.89 -3.75 -21.54
N ARG A 175 0.80 -3.25 -20.99
CA ARG A 175 -0.49 -3.91 -21.07
C ARG A 175 -1.14 -3.61 -22.42
N SER A 176 -0.92 -2.39 -22.91
CA SER A 176 -1.46 -1.93 -24.20
C SER A 176 -0.41 -1.10 -24.93
N GLU A 177 -0.49 -1.06 -26.25
CA GLU A 177 0.49 -0.29 -26.98
C GLU A 177 0.18 1.21 -26.89
N ARG A 178 -0.97 1.53 -26.30
CA ARG A 178 -1.40 2.91 -26.11
C ARG A 178 -0.85 3.42 -24.76
N ASP A 179 -0.05 2.59 -24.10
CA ASP A 179 0.53 2.95 -22.82
C ASP A 179 1.53 4.08 -22.97
N ILE A 180 1.34 5.11 -22.14
CA ILE A 180 2.21 6.26 -22.12
C ILE A 180 3.56 5.81 -21.56
N PRO A 181 4.64 6.07 -22.30
CA PRO A 181 5.97 5.66 -21.82
C PRO A 181 6.42 6.40 -20.55
N PRO A 182 7.35 5.78 -19.79
CA PRO A 182 7.88 6.33 -18.55
C PRO A 182 8.20 7.83 -18.61
N GLU A 183 9.05 8.23 -19.55
CA GLU A 183 9.44 9.63 -19.68
C GLU A 183 8.25 10.58 -19.83
N ALA A 184 7.31 10.26 -20.71
CA ALA A 184 6.14 11.10 -20.90
C ALA A 184 5.32 11.14 -19.61
N ALA A 185 5.30 10.02 -18.90
CA ALA A 185 4.56 9.92 -17.64
C ALA A 185 5.28 10.75 -16.58
N GLN A 186 6.61 10.73 -16.62
CA GLN A 186 7.39 11.50 -15.67
C GLN A 186 7.18 13.00 -15.95
N ASP A 187 6.96 13.37 -17.21
CA ASP A 187 6.73 14.77 -17.59
C ASP A 187 5.39 15.26 -17.04
N VAL A 188 4.36 14.43 -17.20
CA VAL A 188 3.02 14.75 -16.72
C VAL A 188 3.01 14.88 -15.20
N MSE A 189 3.62 13.91 -14.51
CA MSE A 189 3.67 13.90 -13.06
C MSE A 189 4.78 14.84 -12.53
O MSE A 189 5.85 14.94 -13.12
CB MSE A 189 3.92 12.46 -12.54
CG MSE A 189 2.90 11.41 -13.03
SE MSE A 189 1.19 11.77 -12.59
CE MSE A 189 1.11 11.13 -10.97
N ASP A 190 4.50 15.53 -11.42
CA ASP A 190 5.50 16.45 -10.86
C ASP A 190 6.32 15.82 -9.72
N VAL A 191 6.22 14.51 -9.57
CA VAL A 191 6.97 13.82 -8.54
C VAL A 191 7.83 12.77 -9.21
N PRO A 192 8.90 12.31 -8.51
CA PRO A 192 9.79 11.29 -9.08
C PRO A 192 9.12 9.96 -9.44
N LEU A 193 9.58 9.36 -10.53
CA LEU A 193 9.08 8.05 -10.95
C LEU A 193 9.87 7.13 -10.02
N LEU A 194 9.19 6.31 -9.23
CA LEU A 194 9.89 5.41 -8.32
C LEU A 194 10.12 4.05 -8.96
N ALA A 195 9.27 3.71 -9.92
CA ALA A 195 9.38 2.42 -10.62
C ALA A 195 8.36 2.19 -11.71
N VAL A 196 8.77 1.33 -12.64
CA VAL A 196 7.92 0.91 -13.73
C VAL A 196 7.74 -0.58 -13.49
N ILE A 197 6.50 -0.97 -13.18
CA ILE A 197 6.18 -2.37 -12.94
C ILE A 197 5.36 -2.82 -14.14
N PRO A 198 5.86 -3.82 -14.88
CA PRO A 198 5.19 -4.35 -16.07
C PRO A 198 3.93 -5.13 -15.78
N GLU A 199 3.04 -5.17 -16.77
CA GLU A 199 1.85 -5.97 -16.65
C GLU A 199 2.55 -7.35 -16.67
N ASP A 200 2.29 -8.16 -15.65
CA ASP A 200 2.92 -9.45 -15.54
C ASP A 200 1.99 -10.48 -14.89
N PRO A 201 1.61 -11.54 -15.62
CA PRO A 201 0.73 -12.60 -15.12
C PRO A 201 1.22 -13.17 -13.78
N VAL A 202 2.52 -13.17 -13.56
CA VAL A 202 3.06 -13.67 -12.29
C VAL A 202 2.51 -12.85 -11.11
N ILE A 203 2.42 -11.54 -11.28
CA ILE A 203 1.88 -10.69 -10.24
C ILE A 203 0.43 -11.09 -9.96
N ARG A 204 -0.31 -11.39 -11.02
CA ARG A 204 -1.72 -11.80 -10.90
C ARG A 204 -1.84 -13.15 -10.20
N GLU A 205 -0.91 -14.07 -10.49
CA GLU A 205 -0.91 -15.38 -9.86
C GLU A 205 -0.67 -15.20 -8.36
N GLY A 206 0.25 -14.30 -8.03
CA GLY A 206 0.56 -14.02 -6.63
C GLY A 206 -0.69 -13.58 -5.89
N THR A 207 -1.42 -12.64 -6.49
CA THR A 207 -2.66 -12.14 -5.91
C THR A 207 -3.57 -13.33 -5.61
N LEU A 208 -3.82 -14.16 -6.62
CA LEU A 208 -4.71 -15.31 -6.46
C LEU A 208 -4.23 -16.36 -5.47
N GLU A 209 -2.91 -16.53 -5.34
CA GLU A 209 -2.37 -17.52 -4.42
C GLU A 209 -2.23 -17.02 -2.98
N GLY A 210 -2.44 -15.72 -2.75
CA GLY A 210 -2.28 -15.20 -1.40
C GLY A 210 -0.79 -15.07 -1.08
N ILE A 211 0.05 -15.04 -2.11
CA ILE A 211 1.50 -14.93 -1.92
C ILE A 211 2.01 -13.91 -2.93
N PRO A 212 2.43 -12.73 -2.45
CA PRO A 212 2.92 -11.72 -3.39
C PRO A 212 4.06 -12.19 -4.29
N ALA A 213 4.00 -11.82 -5.56
CA ALA A 213 5.01 -12.14 -6.56
C ALA A 213 6.43 -12.18 -6.00
N VAL A 214 6.79 -11.15 -5.22
CA VAL A 214 8.12 -11.05 -4.61
C VAL A 214 8.65 -12.33 -3.95
N LYS A 215 7.82 -12.98 -3.14
CA LYS A 215 8.24 -14.23 -2.50
C LYS A 215 7.74 -15.45 -3.27
N TYR A 216 6.62 -15.29 -3.95
CA TYR A 216 6.02 -16.36 -4.73
C TYR A 216 7.00 -16.91 -5.79
N LYS A 217 7.45 -16.03 -6.69
CA LYS A 217 8.38 -16.35 -7.78
C LYS A 217 9.42 -15.22 -7.81
N PRO A 218 10.42 -15.33 -6.92
CA PRO A 218 11.54 -14.42 -6.68
C PRO A 218 12.36 -14.01 -7.89
N GLU A 219 12.42 -14.88 -8.90
CA GLU A 219 13.19 -14.59 -10.11
C GLU A 219 12.40 -13.93 -11.22
N SER A 220 11.07 -13.89 -11.09
CA SER A 220 10.27 -13.25 -12.14
C SER A 220 10.61 -11.77 -12.25
N LYS A 221 10.15 -11.14 -13.33
CA LYS A 221 10.43 -9.73 -13.55
C LYS A 221 9.49 -8.88 -12.72
N GLY A 222 8.35 -9.48 -12.34
CA GLY A 222 7.41 -8.75 -11.52
C GLY A 222 8.02 -8.60 -10.15
N ALA A 223 8.57 -9.70 -9.64
CA ALA A 223 9.18 -9.71 -8.32
C ALA A 223 10.39 -8.79 -8.28
N GLN A 224 11.26 -8.94 -9.27
CA GLN A 224 12.48 -8.15 -9.39
C GLN A 224 12.18 -6.64 -9.41
N ALA A 225 11.11 -6.24 -10.11
CA ALA A 225 10.73 -4.85 -10.18
C ALA A 225 10.31 -4.34 -8.79
N PHE A 226 9.55 -5.16 -8.06
CA PHE A 226 9.12 -4.76 -6.73
C PHE A 226 10.29 -4.74 -5.74
N ILE A 227 11.26 -5.62 -5.94
CA ILE A 227 12.43 -5.64 -5.06
C ILE A 227 13.25 -4.35 -5.26
N LYS A 228 13.40 -3.94 -6.51
CA LYS A 228 14.15 -2.72 -6.83
C LYS A 228 13.42 -1.53 -6.22
N LEU A 229 12.09 -1.53 -6.30
CA LEU A 229 11.30 -0.45 -5.72
C LEU A 229 11.50 -0.41 -4.19
N ALA A 230 11.49 -1.59 -3.57
CA ALA A 230 11.68 -1.67 -2.12
C ALA A 230 13.06 -1.14 -1.73
N GLU A 231 14.07 -1.47 -2.53
CA GLU A 231 15.43 -0.98 -2.29
C GLU A 231 15.39 0.56 -2.30
N GLU A 232 14.71 1.12 -3.31
CA GLU A 232 14.58 2.55 -3.44
C GLU A 232 13.81 3.21 -2.32
N VAL A 233 12.59 2.76 -2.08
CA VAL A 233 11.78 3.33 -1.02
C VAL A 233 12.56 3.32 0.28
N ASP A 234 13.19 2.19 0.58
CA ASP A 234 13.97 2.07 1.79
C ASP A 234 15.18 3.01 1.83
N LYS A 235 14.96 4.29 2.07
CA LYS A 235 16.08 5.20 2.15
C LYS A 235 16.08 5.89 3.50
N LEU A 236 14.97 5.80 4.23
CA LEU A 236 14.90 6.38 5.55
C LEU A 236 14.87 5.23 6.55
N ALA A 237 16.04 4.60 6.66
CA ALA A 237 16.28 3.48 7.56
C ALA A 237 17.81 3.45 7.65
N GLY A 238 18.42 4.22 6.76
CA GLY A 238 19.87 4.37 6.70
C GLY A 238 20.77 3.16 6.65
N ILE A 239 20.88 2.46 7.78
CA ILE A 239 21.73 1.28 7.90
C ILE A 239 21.68 0.28 6.74
N LYS A 240 20.61 0.30 5.95
CA LYS A 240 20.49 -0.65 4.83
C LYS A 240 20.85 -1.97 5.49
N ALA A 241 20.31 -2.21 6.67
CA ALA A 241 20.68 -3.40 7.42
C ALA A 241 19.70 -4.49 7.82
N LYS A 242 20.35 -5.59 8.18
CA LYS A 242 19.80 -6.83 8.68
C LYS A 242 21.02 -7.22 9.51
N ILE A 243 22.10 -6.48 9.25
CA ILE A 243 23.41 -6.58 9.92
C ILE A 243 24.24 -5.33 9.54
MG MG B . -7.38 -2.46 -3.34
PB ADP C . -6.50 -1.70 -6.41
O1B ADP C . -7.99 -1.75 -6.60
O2B ADP C . -5.79 -0.39 -6.91
O3B ADP C . -6.07 -2.02 -4.96
PA ADP C . -5.34 -4.30 -6.92
O1A ADP C . -6.12 -4.76 -5.73
O2A ADP C . -3.90 -4.33 -6.90
O3A ADP C . -5.86 -2.79 -7.31
O5' ADP C . -5.97 -5.12 -8.03
C5' ADP C . -5.54 -4.99 -9.33
C4' ADP C . -5.77 -6.28 -10.05
O4' ADP C . -4.85 -6.13 -11.16
C3' ADP C . -5.35 -7.63 -9.36
O3' ADP C . -6.07 -8.71 -10.01
C2' ADP C . -3.78 -7.83 -9.70
O2' ADP C . -3.40 -9.22 -9.85
C1' ADP C . -3.77 -6.97 -11.00
N9 ADP C . -2.47 -6.32 -11.30
C8 ADP C . -2.05 -5.18 -10.74
N7 ADP C . -0.89 -4.84 -11.11
C5 ADP C . -0.49 -5.85 -11.99
C6 ADP C . 0.70 -6.09 -12.78
N6 ADP C . 1.78 -5.22 -12.80
N1 ADP C . 0.74 -7.24 -13.56
C2 ADP C . -0.31 -8.08 -13.54
N3 ADP C . -1.45 -7.92 -12.83
C4 ADP C . -1.47 -6.79 -12.09
#